data_9GZE
#
_entry.id   9GZE
#
_cell.length_a   93.908
_cell.length_b   61.486
_cell.length_c   119.327
_cell.angle_alpha   90.000
_cell.angle_beta   101.900
_cell.angle_gamma   90.000
#
_symmetry.space_group_name_H-M   'C 1 2 1'
#
loop_
_entity.id
_entity.type
_entity.pdbx_description
1 polymer 'Peroxisome proliferator-activated receptor gamma'
2 non-polymer '4-[5-chloranyl-1-[2-chloranyl-6-(trifluoromethyl)phenyl]carbonyl-indazol-3-yl]-3-(pyrimidin-2-ylmethoxy)benzoic acid'
3 water water
#
_entity_poly.entity_id   1
_entity_poly.type   'polypeptide(L)'
_entity_poly.pdbx_seq_one_letter_code
;GSHMESADLRALAKHLYDSYIKSFPLTKAKARAILTGKTTDKSPFVIYDMNSLMMGEDKIKFKHITPLQEQSKEVAIRIF
QGCQFRSVEAVQEITEYAKSIPGFVNLDLNDQVTLLKYGVHEIIYTMLASLMNKDGVLISEGQGFMTREFLKSLRKPFGD
FMEPKFEFAVKFNALELDDSDLAIFIAVIILSGDRPGLLNVKPIEDIQDNLLQALELQLKLNHPESSQLFAKLLQKMTDL
RQIVTEHVQLLQVIKKTETDMSLHPLLQEIYKDL
;
_entity_poly.pdbx_strand_id   B,A
#
loop_
_chem_comp.id
_chem_comp.type
_chem_comp.name
_chem_comp.formula
A1IRD non-polymer '4-[5-chloranyl-1-[2-chloranyl-6-(trifluoromethyl)phenyl]carbonyl-indazol-3-yl]-3-(pyrimidin-2-ylmethoxy)benzoic acid' 'C27 H15 Cl2 F3 N4 O4'
#
# COMPACT_ATOMS: atom_id res chain seq x y z
N GLU A 5 17.91 10.39 20.05
CA GLU A 5 17.46 10.96 21.30
C GLU A 5 16.21 11.83 21.09
N SER A 6 15.31 11.83 22.08
CA SER A 6 14.00 12.44 21.89
C SER A 6 14.11 13.91 21.50
N ALA A 7 15.01 14.65 22.13
CA ALA A 7 15.14 16.07 21.80
C ALA A 7 15.61 16.28 20.36
N ASP A 8 16.42 15.35 19.81
CA ASP A 8 16.80 15.48 18.41
C ASP A 8 15.62 15.23 17.49
N LEU A 9 14.75 14.29 17.87
CA LEU A 9 13.55 14.03 17.07
C LEU A 9 12.59 15.21 17.14
N ARG A 10 12.45 15.83 18.31
CA ARG A 10 11.63 17.03 18.37
C ARG A 10 12.23 18.13 17.49
N ALA A 11 13.55 18.32 17.55
CA ALA A 11 14.20 19.31 16.69
C ALA A 11 13.89 19.05 15.22
N LEU A 12 14.04 17.80 14.80
CA LEU A 12 13.76 17.45 13.42
C LEU A 12 12.31 17.73 13.09
N ALA A 13 11.41 17.41 14.01
CA ALA A 13 9.97 17.65 13.80
C ALA A 13 9.69 19.14 13.65
N LYS A 14 10.26 19.97 14.54
CA LYS A 14 10.02 21.41 14.42
C LYS A 14 10.66 21.98 13.18
N HIS A 15 11.88 21.54 12.84
CA HIS A 15 12.50 21.96 11.59
C HIS A 15 11.58 21.72 10.41
N LEU A 16 10.99 20.53 10.34
CA LEU A 16 10.14 20.20 9.19
C LEU A 16 8.84 21.00 9.21
N TYR A 17 8.24 21.20 10.40
CA TYR A 17 7.04 22.03 10.46
C TYR A 17 7.32 23.43 9.92
N ASP A 18 8.38 24.07 10.41
CA ASP A 18 8.74 25.42 9.98
C ASP A 18 8.88 25.49 8.46
N SER A 19 9.57 24.52 7.87
CA SER A 19 9.76 24.54 6.43
C SER A 19 8.45 24.29 5.70
N TYR A 20 7.65 23.35 6.21
CA TYR A 20 6.37 23.04 5.62
C TYR A 20 5.51 24.29 5.50
N ILE A 21 5.56 25.15 6.52
CA ILE A 21 4.79 26.39 6.57
C ILE A 21 5.26 27.38 5.51
N LYS A 22 6.56 27.46 5.26
CA LYS A 22 7.07 28.39 4.25
C LYS A 22 6.84 27.91 2.83
N SER A 23 6.70 26.60 2.63
CA SER A 23 6.67 26.03 1.29
C SER A 23 5.29 26.01 0.67
N PHE A 24 4.27 25.78 1.47
CA PHE A 24 2.94 25.57 0.94
C PHE A 24 2.05 26.78 1.23
N PRO A 25 1.30 27.28 0.24
CA PRO A 25 0.59 28.54 0.47
C PRO A 25 -0.57 28.43 1.45
N LEU A 26 -1.38 27.37 1.37
CA LEU A 26 -2.54 27.21 2.23
C LEU A 26 -2.33 26.03 3.17
N THR A 27 -2.18 26.31 4.47
CA THR A 27 -1.97 25.21 5.40
C THR A 27 -3.29 24.52 5.72
N LYS A 28 -3.20 23.31 6.28
CA LYS A 28 -4.43 22.61 6.69
C LYS A 28 -5.18 23.39 7.77
N ALA A 29 -4.45 24.01 8.69
CA ALA A 29 -5.10 24.78 9.75
C ALA A 29 -5.94 25.91 9.15
N LYS A 30 -5.36 26.66 8.21
CA LYS A 30 -6.14 27.73 7.58
C LYS A 30 -7.30 27.16 6.77
N ALA A 31 -7.05 26.06 6.03
CA ALA A 31 -8.09 25.49 5.19
C ALA A 31 -9.30 25.04 6.01
N ARG A 32 -9.08 24.48 7.20
CA ARG A 32 -10.20 23.98 8.00
C ARG A 32 -11.06 25.11 8.51
N ALA A 33 -10.44 26.24 8.88
CA ALA A 33 -11.24 27.39 9.29
C ALA A 33 -12.15 27.85 8.18
N ILE A 34 -11.68 27.81 6.94
CA ILE A 34 -12.53 28.18 5.82
C ILE A 34 -13.63 27.15 5.62
N LEU A 35 -13.27 25.87 5.63
CA LEU A 35 -14.26 24.85 5.30
C LEU A 35 -15.38 24.78 6.34
N THR A 36 -15.05 24.93 7.62
CA THR A 36 -16.03 24.82 8.67
C THR A 36 -16.87 26.09 8.83
N GLY A 37 -16.41 27.21 8.30
CA GLY A 37 -17.16 28.44 8.38
C GLY A 37 -16.86 29.15 9.68
N LYS A 38 -15.59 29.14 10.06
CA LYS A 38 -15.15 29.72 11.31
C LYS A 38 -14.50 31.06 11.04
N LYS A 42 -15.71 36.96 4.98
CA LYS A 42 -14.53 36.41 4.33
C LYS A 42 -14.88 35.13 3.54
N SER A 43 -16.15 35.00 3.18
CA SER A 43 -16.62 33.75 2.60
C SER A 43 -16.00 33.52 1.22
N PRO A 44 -15.54 32.31 0.92
CA PRO A 44 -15.02 32.02 -0.41
C PRO A 44 -16.14 32.08 -1.43
N PHE A 45 -15.76 32.28 -2.69
CA PHE A 45 -16.74 32.18 -3.77
C PHE A 45 -17.08 30.72 -4.02
N VAL A 46 -18.37 30.42 -4.13
CA VAL A 46 -18.82 29.02 -4.20
C VAL A 46 -19.16 28.68 -5.63
N ILE A 47 -18.56 27.62 -6.14
CA ILE A 47 -18.84 27.12 -7.49
C ILE A 47 -19.64 25.85 -7.34
N TYR A 48 -20.93 25.90 -7.70
CA TYR A 48 -21.83 24.78 -7.53
C TYR A 48 -22.56 24.40 -8.81
N ASP A 49 -22.37 25.15 -9.90
CA ASP A 49 -22.99 24.83 -11.19
C ASP A 49 -22.29 25.63 -12.30
N MET A 50 -22.81 25.51 -13.52
CA MET A 50 -22.21 26.19 -14.66
C MET A 50 -22.22 27.71 -14.47
N ASN A 51 -23.39 28.29 -14.14
CA ASN A 51 -23.48 29.75 -14.08
C ASN A 51 -22.56 30.33 -13.01
N SER A 52 -22.47 29.68 -11.85
CA SER A 52 -21.57 30.17 -10.82
C SER A 52 -20.10 29.97 -11.19
N LEU A 53 -19.79 28.95 -11.99
CA LEU A 53 -18.42 28.83 -12.50
C LEU A 53 -18.09 30.02 -13.38
N MET A 54 -18.99 30.34 -14.31
CA MET A 54 -18.79 31.51 -15.17
C MET A 54 -18.53 32.77 -14.36
N MET A 55 -19.34 33.02 -13.33
CA MET A 55 -19.14 34.23 -12.55
C MET A 55 -17.80 34.21 -11.82
N GLY A 56 -17.41 33.07 -11.28
CA GLY A 56 -16.17 33.02 -10.51
C GLY A 56 -14.94 33.34 -11.33
N GLU A 57 -14.91 32.90 -12.58
CA GLU A 57 -13.76 33.22 -13.41
C GLU A 57 -13.79 34.67 -13.89
N ASP A 58 -14.98 35.26 -14.06
CA ASP A 58 -15.07 36.67 -14.39
C ASP A 58 -14.80 37.56 -13.18
N LYS A 59 -15.19 37.14 -11.99
CA LYS A 59 -14.99 37.92 -10.77
C LYS A 59 -13.64 37.65 -10.11
N ILE A 60 -13.34 36.38 -9.82
CA ILE A 60 -12.10 36.04 -9.14
C ILE A 60 -10.93 35.81 -10.10
N LYS A 61 -11.20 35.39 -11.34
CA LYS A 61 -10.16 35.09 -12.33
C LYS A 61 -9.16 34.07 -11.78
N PHE A 62 -9.63 32.83 -11.70
CA PHE A 62 -8.75 31.71 -11.38
C PHE A 62 -7.79 31.44 -12.54
N LYS A 63 -6.49 31.42 -12.24
CA LYS A 63 -5.47 31.25 -13.28
C LYS A 63 -5.46 29.84 -13.87
N HIS A 64 -5.92 28.84 -13.11
CA HIS A 64 -6.01 27.49 -13.65
C HIS A 64 -7.08 27.43 -14.75
N ILE A 65 -8.34 27.61 -14.36
CA ILE A 65 -9.48 27.53 -15.27
C ILE A 65 -9.56 28.76 -16.18
N THR A 66 -8.74 28.79 -17.22
CA THR A 66 -8.67 29.91 -18.15
C THR A 66 -7.77 29.63 -19.38
N LYS A 73 -13.10 25.76 -25.58
CA LYS A 73 -13.00 24.50 -24.86
C LYS A 73 -14.27 24.22 -24.04
N GLU A 74 -14.47 22.95 -23.72
CA GLU A 74 -15.64 22.50 -22.97
C GLU A 74 -15.36 22.57 -21.47
N VAL A 75 -16.43 22.82 -20.70
CA VAL A 75 -16.26 23.14 -19.28
C VAL A 75 -15.62 21.97 -18.53
N ALA A 76 -16.09 20.75 -18.75
CA ALA A 76 -15.53 19.62 -18.02
C ALA A 76 -14.04 19.46 -18.32
N ILE A 77 -13.63 19.77 -19.55
CA ILE A 77 -12.21 19.70 -19.92
C ILE A 77 -11.43 20.81 -19.21
N ARG A 78 -11.98 22.03 -19.17
CA ARG A 78 -11.28 23.15 -18.55
C ARG A 78 -11.05 22.91 -17.07
N ILE A 79 -12.02 22.32 -16.37
CA ILE A 79 -11.81 22.03 -14.95
C ILE A 79 -10.74 20.97 -14.78
N PHE A 80 -10.81 19.91 -15.58
CA PHE A 80 -9.81 18.86 -15.48
C PHE A 80 -8.42 19.44 -15.68
N GLN A 81 -8.26 20.29 -16.69
CA GLN A 81 -6.96 20.89 -16.94
C GLN A 81 -6.57 21.88 -15.85
N GLY A 82 -7.55 22.53 -15.21
CA GLY A 82 -7.26 23.36 -14.04
C GLY A 82 -6.63 22.58 -12.90
N CYS A 83 -7.02 21.32 -12.71
CA CYS A 83 -6.40 20.47 -11.70
C CYS A 83 -4.97 20.12 -12.11
N GLN A 84 -4.74 19.91 -13.40
CA GLN A 84 -3.40 19.62 -13.87
C GLN A 84 -2.49 20.82 -13.71
N PHE A 85 -3.01 22.02 -14.00
CA PHE A 85 -2.23 23.24 -13.77
C PHE A 85 -1.80 23.35 -12.31
N ARG A 86 -2.75 23.16 -11.38
CA ARG A 86 -2.42 23.34 -9.97
C ARG A 86 -1.45 22.27 -9.49
N SER A 87 -1.59 21.05 -9.99
CA SER A 87 -0.66 19.99 -9.63
C SER A 87 0.76 20.34 -10.06
N VAL A 88 0.92 20.95 -11.23
CA VAL A 88 2.23 21.41 -11.66
C VAL A 88 2.79 22.41 -10.65
N GLU A 89 1.97 23.33 -10.15
CA GLU A 89 2.47 24.25 -9.12
C GLU A 89 2.90 23.50 -7.85
N ALA A 90 2.10 22.54 -7.42
CA ALA A 90 2.41 21.83 -6.19
C ALA A 90 3.71 21.06 -6.32
N VAL A 91 3.99 20.49 -7.51
CA VAL A 91 5.25 19.79 -7.70
C VAL A 91 6.43 20.67 -7.32
N GLN A 92 6.41 21.93 -7.78
CA GLN A 92 7.49 22.85 -7.42
C GLN A 92 7.50 23.13 -5.92
N GLU A 93 6.32 23.21 -5.29
CA GLU A 93 6.29 23.46 -3.85
C GLU A 93 6.87 22.29 -3.07
N ILE A 94 6.47 21.06 -3.41
CA ILE A 94 7.02 19.86 -2.77
C ILE A 94 8.55 19.75 -2.98
N THR A 95 9.02 20.07 -4.19
CA THR A 95 10.43 20.03 -4.50
C THR A 95 11.22 20.98 -3.61
N GLU A 96 10.69 22.20 -3.42
CA GLU A 96 11.35 23.14 -2.52
C GLU A 96 11.35 22.63 -1.08
N TYR A 97 10.20 22.10 -0.63
CA TYR A 97 10.15 21.51 0.71
C TYR A 97 11.16 20.39 0.88
N ALA A 98 11.28 19.50 -0.10
CA ALA A 98 12.23 18.39 0.01
C ALA A 98 13.64 18.89 0.32
N LYS A 99 14.05 20.03 -0.25
CA LYS A 99 15.41 20.48 -0.02
C LYS A 99 15.67 20.76 1.46
N SER A 100 14.62 21.02 2.23
CA SER A 100 14.78 21.28 3.66
C SER A 100 14.84 20.02 4.50
N ILE A 101 14.57 18.84 3.94
CA ILE A 101 14.66 17.61 4.71
C ILE A 101 16.13 17.31 4.97
N PRO A 102 16.57 17.23 6.24
CA PRO A 102 18.00 17.01 6.52
C PRO A 102 18.53 15.77 5.81
N GLY A 103 19.59 15.94 5.03
CA GLY A 103 20.25 14.88 4.30
C GLY A 103 19.86 14.79 2.84
N PHE A 104 18.74 15.42 2.44
CA PHE A 104 18.20 15.21 1.10
C PHE A 104 19.13 15.79 0.02
N VAL A 105 19.62 17.01 0.20
CA VAL A 105 20.47 17.59 -0.85
C VAL A 105 21.83 16.90 -0.93
N ASN A 106 22.18 16.09 0.06
CA ASN A 106 23.42 15.34 0.00
C ASN A 106 23.27 14.05 -0.78
N LEU A 107 22.07 13.65 -1.16
CA LEU A 107 21.92 12.43 -1.93
C LEU A 107 22.43 12.65 -3.37
N ASP A 108 22.85 11.56 -4.00
CA ASP A 108 23.14 11.57 -5.43
C ASP A 108 22.04 12.33 -6.16
N LEU A 109 22.42 13.16 -7.15
CA LEU A 109 21.43 14.04 -7.76
C LEU A 109 20.37 13.26 -8.54
N ASN A 110 20.78 12.17 -9.19
CA ASN A 110 19.80 11.33 -9.89
C ASN A 110 18.79 10.73 -8.92
N ASP A 111 19.23 10.38 -7.71
CA ASP A 111 18.32 9.82 -6.72
C ASP A 111 17.36 10.89 -6.20
N GLN A 112 17.82 12.15 -6.04
CA GLN A 112 16.92 13.24 -5.68
C GLN A 112 15.79 13.36 -6.70
N VAL A 113 16.14 13.34 -7.98
CA VAL A 113 15.15 13.47 -9.06
C VAL A 113 14.23 12.26 -9.08
N THR A 114 14.79 11.07 -8.86
CA THR A 114 13.95 9.87 -8.83
C THR A 114 12.95 9.89 -7.66
N LEU A 115 13.40 10.30 -6.47
CA LEU A 115 12.49 10.32 -5.33
C LEU A 115 11.34 11.29 -5.55
N LEU A 116 11.65 12.48 -6.09
CA LEU A 116 10.60 13.45 -6.38
C LEU A 116 9.68 12.93 -7.47
N LYS A 117 10.26 12.38 -8.56
CA LYS A 117 9.44 11.93 -9.67
C LYS A 117 8.37 10.95 -9.22
N TYR A 118 8.72 9.99 -8.38
CA TYR A 118 7.79 8.92 -8.01
C TYR A 118 7.03 9.22 -6.73
N GLY A 119 7.33 10.31 -6.03
CA GLY A 119 6.62 10.63 -4.81
C GLY A 119 5.58 11.73 -4.92
N VAL A 120 5.72 12.63 -5.91
CA VAL A 120 4.86 13.82 -5.96
C VAL A 120 3.39 13.43 -6.06
N HIS A 121 3.09 12.35 -6.78
CA HIS A 121 1.68 11.98 -6.92
C HIS A 121 1.07 11.58 -5.57
N GLU A 122 1.79 10.77 -4.80
CA GLU A 122 1.31 10.39 -3.48
C GLU A 122 1.18 11.60 -2.56
N ILE A 123 2.11 12.55 -2.67
CA ILE A 123 2.04 13.70 -1.78
C ILE A 123 0.91 14.63 -2.19
N ILE A 124 0.69 14.77 -3.49
CA ILE A 124 -0.39 15.66 -3.94
C ILE A 124 -1.75 15.13 -3.47
N TYR A 125 -2.01 13.83 -3.59
CA TYR A 125 -3.26 13.30 -3.06
C TYR A 125 -3.35 13.59 -1.57
N THR A 126 -2.26 13.35 -0.84
CA THR A 126 -2.26 13.54 0.61
C THR A 126 -2.64 14.96 0.98
N MET A 127 -1.96 15.94 0.38
CA MET A 127 -2.20 17.32 0.75
C MET A 127 -3.50 17.83 0.17
N LEU A 128 -3.99 17.23 -0.92
CA LEU A 128 -5.31 17.58 -1.41
C LEU A 128 -6.37 17.35 -0.33
N ALA A 129 -6.21 16.29 0.46
CA ALA A 129 -7.19 16.00 1.50
C ALA A 129 -7.32 17.16 2.47
N SER A 130 -6.24 17.88 2.73
CA SER A 130 -6.29 19.02 3.64
C SER A 130 -7.27 20.09 3.18
N LEU A 131 -7.48 20.21 1.87
CA LEU A 131 -8.36 21.22 1.29
C LEU A 131 -9.76 20.71 1.00
N MET A 132 -10.09 19.50 1.43
CA MET A 132 -11.31 18.82 1.05
C MET A 132 -12.12 18.53 2.30
N ASN A 133 -13.45 18.61 2.17
CA ASN A 133 -14.31 17.87 3.07
C ASN A 133 -15.31 17.07 2.23
N LYS A 134 -16.34 16.50 2.85
CA LYS A 134 -17.30 15.69 2.10
C LYS A 134 -18.12 16.52 1.11
N ASP A 135 -18.10 17.85 1.21
CA ASP A 135 -18.93 18.65 0.34
C ASP A 135 -18.18 19.38 -0.77
N GLY A 136 -16.86 19.54 -0.68
CA GLY A 136 -16.15 20.16 -1.80
C GLY A 136 -14.69 20.44 -1.48
N VAL A 137 -14.06 21.28 -2.32
CA VAL A 137 -12.63 21.50 -2.29
C VAL A 137 -12.30 22.99 -2.44
N LEU A 138 -11.36 23.47 -1.65
CA LEU A 138 -10.87 24.82 -1.78
C LEU A 138 -9.93 24.94 -2.98
N ILE A 139 -10.00 26.09 -3.66
CA ILE A 139 -9.09 26.40 -4.78
C ILE A 139 -8.63 27.84 -4.58
N SER A 140 -7.63 28.22 -5.37
CA SER A 140 -7.03 29.56 -5.34
C SER A 140 -6.70 30.00 -3.93
N GLU A 141 -5.90 29.17 -3.25
CA GLU A 141 -5.43 29.51 -1.92
C GLU A 141 -6.60 29.87 -1.01
N GLY A 142 -7.66 29.07 -1.07
CA GLY A 142 -8.79 29.24 -0.19
C GLY A 142 -9.80 30.29 -0.59
N GLN A 143 -9.60 30.98 -1.72
CA GLN A 143 -10.54 32.02 -2.13
C GLN A 143 -11.82 31.44 -2.73
N GLY A 144 -11.76 30.23 -3.27
CA GLY A 144 -12.92 29.62 -3.88
C GLY A 144 -13.21 28.26 -3.27
N PHE A 145 -14.41 27.75 -3.49
CA PHE A 145 -14.83 26.44 -2.99
C PHE A 145 -15.70 25.80 -4.05
N MET A 146 -15.27 24.68 -4.62
CA MET A 146 -16.05 24.02 -5.65
C MET A 146 -16.70 22.77 -5.07
N THR A 147 -18.02 22.64 -5.24
CA THR A 147 -18.73 21.56 -4.56
C THR A 147 -18.41 20.20 -5.17
N ARG A 148 -18.44 19.19 -4.30
CA ARG A 148 -18.24 17.80 -4.71
C ARG A 148 -19.28 17.37 -5.74
N GLU A 149 -20.53 17.81 -5.57
CA GLU A 149 -21.60 17.38 -6.46
C GLU A 149 -21.40 17.94 -7.86
N PHE A 150 -20.97 19.19 -7.95
CA PHE A 150 -20.72 19.75 -9.27
C PHE A 150 -19.54 19.05 -9.97
N LEU A 151 -18.46 18.79 -9.22
CA LEU A 151 -17.34 18.06 -9.83
C LEU A 151 -17.77 16.65 -10.23
N LYS A 152 -18.46 15.95 -9.32
CA LYS A 152 -18.87 14.58 -9.58
C LYS A 152 -19.84 14.49 -10.76
N SER A 153 -20.56 15.58 -11.05
CA SER A 153 -21.57 15.58 -12.11
C SER A 153 -21.02 15.96 -13.47
N LEU A 154 -19.72 16.16 -13.61
CA LEU A 154 -19.15 16.45 -14.91
C LEU A 154 -19.29 15.23 -15.84
N ARG A 155 -19.42 15.51 -17.12
CA ARG A 155 -19.81 14.49 -18.06
C ARG A 155 -18.72 13.45 -18.25
N LYS A 156 -19.08 12.41 -19.02
CA LYS A 156 -18.21 11.37 -19.57
C LYS A 156 -17.23 10.91 -18.49
N PRO A 157 -15.92 10.82 -18.76
CA PRO A 157 -15.03 10.26 -17.74
C PRO A 157 -14.64 11.25 -16.65
N PHE A 158 -14.88 12.55 -16.83
CA PHE A 158 -14.33 13.53 -15.90
C PHE A 158 -15.03 13.47 -14.55
N GLY A 159 -16.35 13.29 -14.55
CA GLY A 159 -17.06 13.17 -13.29
C GLY A 159 -16.50 12.05 -12.42
N ASP A 160 -16.31 10.87 -13.02
CA ASP A 160 -15.75 9.73 -12.30
C ASP A 160 -14.25 9.87 -12.07
N PHE A 161 -13.61 10.88 -12.66
CA PHE A 161 -12.23 11.15 -12.34
C PHE A 161 -12.09 12.00 -11.09
N MET A 162 -13.09 12.85 -10.82
CA MET A 162 -12.99 13.73 -9.67
C MET A 162 -13.34 12.99 -8.37
N GLU A 163 -14.39 12.17 -8.40
CA GLU A 163 -14.97 11.63 -7.18
C GLU A 163 -14.01 10.75 -6.37
N PRO A 164 -13.16 9.88 -6.96
CA PRO A 164 -12.24 9.08 -6.13
C PRO A 164 -11.35 9.92 -5.23
N LYS A 165 -11.00 11.14 -5.63
CA LYS A 165 -10.19 12.01 -4.78
C LYS A 165 -10.92 12.33 -3.48
N PHE A 166 -12.20 12.69 -3.57
CA PHE A 166 -13.00 12.95 -2.38
C PHE A 166 -13.12 11.70 -1.50
N GLU A 167 -13.31 10.55 -2.13
CA GLU A 167 -13.51 9.32 -1.37
C GLU A 167 -12.29 9.01 -0.51
N PHE A 168 -11.10 9.15 -1.09
CA PHE A 168 -9.87 9.01 -0.31
C PHE A 168 -9.79 10.08 0.78
N ALA A 169 -10.01 11.34 0.39
CA ALA A 169 -9.86 12.46 1.33
C ALA A 169 -10.70 12.26 2.58
N VAL A 170 -11.94 11.86 2.41
CA VAL A 170 -12.85 11.71 3.54
C VAL A 170 -12.32 10.66 4.53
N LYS A 171 -11.81 9.54 4.02
CA LYS A 171 -11.23 8.53 4.91
C LYS A 171 -9.92 9.01 5.53
N PHE A 172 -9.04 9.64 4.75
CA PHE A 172 -7.78 10.11 5.32
C PHE A 172 -8.03 11.18 6.39
N ASN A 173 -9.00 12.05 6.15
CA ASN A 173 -9.26 13.13 7.09
C ASN A 173 -9.83 12.63 8.41
N ALA A 174 -10.44 11.44 8.46
CA ALA A 174 -10.88 10.90 9.74
C ALA A 174 -9.72 10.69 10.72
N LEU A 175 -8.47 10.62 10.23
CA LEU A 175 -7.34 10.52 11.12
C LEU A 175 -7.10 11.82 11.89
N GLU A 176 -7.57 12.96 11.39
CA GLU A 176 -7.46 14.23 12.10
C GLU A 176 -6.00 14.62 12.33
N LEU A 177 -5.16 14.42 11.31
CA LEU A 177 -3.80 14.91 11.39
C LEU A 177 -3.76 16.45 11.33
N ASP A 178 -2.75 17.03 11.96
CA ASP A 178 -2.55 18.45 11.80
C ASP A 178 -1.24 18.70 11.03
N ASP A 179 -0.94 19.98 10.77
CA ASP A 179 0.19 20.33 9.90
C ASP A 179 1.51 19.82 10.46
N SER A 180 1.70 19.88 11.78
CA SER A 180 2.95 19.36 12.33
C SER A 180 3.08 17.86 12.11
N ASP A 181 1.96 17.12 12.18
CA ASP A 181 1.98 15.70 11.82
C ASP A 181 2.31 15.52 10.34
N LEU A 182 1.64 16.29 9.48
CA LEU A 182 1.76 16.07 8.04
C LEU A 182 3.15 16.40 7.51
N ALA A 183 3.82 17.41 8.09
CA ALA A 183 5.14 17.77 7.60
C ALA A 183 6.10 16.57 7.66
N ILE A 184 6.04 15.80 8.75
CA ILE A 184 6.87 14.60 8.86
C ILE A 184 6.35 13.49 7.94
N PHE A 185 5.02 13.32 7.86
CA PHE A 185 4.47 12.28 6.99
C PHE A 185 4.92 12.49 5.54
N ILE A 186 4.79 13.72 5.04
CA ILE A 186 5.22 14.04 3.67
C ILE A 186 6.68 13.66 3.48
N ALA A 187 7.52 14.01 4.45
CA ALA A 187 8.95 13.71 4.35
C ALA A 187 9.20 12.20 4.27
N VAL A 188 8.45 11.42 5.05
CA VAL A 188 8.59 9.95 5.01
C VAL A 188 8.32 9.43 3.61
N ILE A 189 7.27 9.96 2.96
CA ILE A 189 6.92 9.52 1.61
C ILE A 189 8.06 9.81 0.65
N ILE A 190 8.64 10.99 0.74
CA ILE A 190 9.68 11.36 -0.21
C ILE A 190 10.85 10.40 -0.10
N LEU A 191 11.22 10.03 1.13
CA LEU A 191 12.41 9.21 1.36
C LEU A 191 12.08 7.72 1.32
N SER A 192 11.42 7.29 0.24
CA SER A 192 11.10 5.88 0.01
C SER A 192 12.24 5.21 -0.76
N GLY A 193 12.91 4.26 -0.11
CA GLY A 193 13.97 3.53 -0.77
C GLY A 193 13.54 2.50 -1.79
N ASP A 194 12.26 2.28 -2.02
CA ASP A 194 11.85 1.27 -2.99
C ASP A 194 11.46 1.89 -4.34
N ARG A 195 11.78 3.15 -4.58
CA ARG A 195 11.46 3.73 -5.87
C ARG A 195 12.29 3.05 -6.96
N PRO A 196 11.73 2.83 -8.15
CA PRO A 196 12.50 2.19 -9.22
C PRO A 196 13.70 3.04 -9.63
N GLY A 197 14.83 2.38 -9.81
CA GLY A 197 16.01 2.97 -10.43
C GLY A 197 16.91 3.75 -9.51
N LEU A 198 16.68 3.68 -8.19
CA LEU A 198 17.54 4.36 -7.23
C LEU A 198 18.93 3.76 -7.27
N LEU A 199 19.94 4.62 -7.23
CA LEU A 199 21.33 4.22 -7.30
C LEU A 199 21.91 3.85 -5.94
N ASN A 200 21.56 4.60 -4.90
CA ASN A 200 22.14 4.39 -3.57
C ASN A 200 21.05 4.40 -2.50
N VAL A 201 20.51 3.21 -2.22
CA VAL A 201 19.32 3.08 -1.36
C VAL A 201 19.64 3.33 0.10
N LYS A 202 20.84 2.99 0.54
CA LYS A 202 21.10 2.99 1.98
C LYS A 202 20.91 4.34 2.63
N PRO A 203 21.45 5.45 2.11
CA PRO A 203 21.25 6.75 2.77
C PRO A 203 19.81 7.22 2.73
N ILE A 204 19.02 6.79 1.76
CA ILE A 204 17.61 7.15 1.74
C ILE A 204 16.88 6.45 2.88
N GLU A 205 17.14 5.16 3.04
CA GLU A 205 16.52 4.43 4.14
C GLU A 205 17.04 4.90 5.49
N ASP A 206 18.32 5.29 5.56
CA ASP A 206 18.85 5.85 6.80
C ASP A 206 18.06 7.09 7.21
N ILE A 207 17.80 7.98 6.24
CA ILE A 207 17.03 9.18 6.52
C ILE A 207 15.57 8.82 6.83
N GLN A 208 14.99 7.89 6.09
CA GLN A 208 13.61 7.53 6.39
C GLN A 208 13.50 6.97 7.79
N ASP A 209 14.49 6.17 8.24
CA ASP A 209 14.45 5.66 9.59
C ASP A 209 14.40 6.79 10.62
N ASN A 210 15.18 7.87 10.40
CA ASN A 210 15.11 9.02 11.30
C ASN A 210 13.74 9.64 11.28
N LEU A 211 13.20 9.85 10.09
CA LEU A 211 11.91 10.52 9.98
C LEU A 211 10.79 9.69 10.60
N LEU A 212 10.85 8.36 10.45
CA LEU A 212 9.83 7.51 11.08
C LEU A 212 9.88 7.61 12.60
N GLN A 213 11.08 7.60 13.18
CA GLN A 213 11.19 7.79 14.62
C GLN A 213 10.58 9.10 15.03
N ALA A 214 10.80 10.15 14.24
CA ALA A 214 10.25 11.46 14.59
C ALA A 214 8.74 11.46 14.42
N LEU A 215 8.24 10.82 13.36
CA LEU A 215 6.80 10.75 13.17
C LEU A 215 6.15 9.95 14.30
N GLU A 216 6.75 8.81 14.67
CA GLU A 216 6.19 8.01 15.77
C GLU A 216 6.10 8.85 17.03
N LEU A 217 7.19 9.52 17.41
CA LEU A 217 7.17 10.34 18.62
C LEU A 217 6.21 11.50 18.49
N GLN A 218 6.17 12.15 17.33
CA GLN A 218 5.27 13.28 17.14
C GLN A 218 3.83 12.89 17.42
N LEU A 219 3.39 11.75 16.85
CA LEU A 219 2.01 11.29 17.00
C LEU A 219 1.70 10.84 18.43
N LYS A 220 2.66 10.28 19.15
CA LYS A 220 2.38 9.90 20.53
C LYS A 220 2.19 11.14 21.41
N LEU A 221 2.95 12.21 21.15
CA LEU A 221 2.82 13.44 21.93
C LEU A 221 1.61 14.28 21.50
N ASN A 222 1.34 14.36 20.19
CA ASN A 222 0.26 15.21 19.70
C ASN A 222 -1.10 14.52 19.79
N HIS A 223 -1.13 13.19 19.84
CA HIS A 223 -2.37 12.42 19.86
C HIS A 223 -2.21 11.30 20.88
N PRO A 224 -2.03 11.65 22.15
CA PRO A 224 -1.78 10.60 23.15
C PRO A 224 -2.93 9.62 23.29
N GLU A 225 -4.17 10.06 23.04
CA GLU A 225 -5.36 9.23 23.19
C GLU A 225 -5.64 8.37 21.96
N SER A 226 -4.92 8.55 20.86
CA SER A 226 -5.21 7.89 19.60
C SER A 226 -4.34 6.64 19.48
N SER A 227 -4.87 5.51 19.94
CA SER A 227 -4.09 4.28 20.00
C SER A 227 -3.61 3.85 18.61
N GLN A 228 -2.32 3.53 18.50
CA GLN A 228 -1.74 2.97 17.27
C GLN A 228 -1.95 3.88 16.06
N LEU A 229 -2.00 5.19 16.27
CA LEU A 229 -2.17 6.10 15.14
C LEU A 229 -1.01 5.99 14.14
N PHE A 230 0.20 5.76 14.63
CA PHE A 230 1.37 5.56 13.77
C PHE A 230 1.13 4.43 12.77
N ALA A 231 0.75 3.26 13.28
CA ALA A 231 0.46 2.12 12.40
C ALA A 231 -0.63 2.46 11.39
N LYS A 232 -1.70 3.14 11.83
CA LYS A 232 -2.81 3.44 10.93
C LYS A 232 -2.41 4.42 9.84
N LEU A 233 -1.54 5.38 10.16
CA LEU A 233 -1.05 6.30 9.14
C LEU A 233 -0.18 5.58 8.11
N LEU A 234 0.70 4.68 8.56
CA LEU A 234 1.50 3.91 7.59
C LEU A 234 0.61 3.01 6.75
N GLN A 235 -0.45 2.47 7.32
CA GLN A 235 -1.35 1.65 6.51
C GLN A 235 -2.00 2.47 5.39
N LYS A 236 -2.14 3.80 5.58
CA LYS A 236 -2.67 4.66 4.53
C LYS A 236 -1.70 4.80 3.35
N MET A 237 -0.41 4.50 3.53
CA MET A 237 0.43 4.40 2.36
C MET A 237 -0.03 3.28 1.42
N THR A 238 -0.85 2.35 1.90
CA THR A 238 -1.38 1.34 0.98
C THR A 238 -2.46 1.96 0.09
N ASP A 239 -3.42 2.66 0.70
CA ASP A 239 -4.41 3.36 -0.09
C ASP A 239 -3.79 4.38 -1.03
N LEU A 240 -2.67 5.01 -0.64
CA LEU A 240 -2.06 6.02 -1.50
C LEU A 240 -1.47 5.38 -2.75
N ARG A 241 -0.70 4.31 -2.57
CA ARG A 241 -0.13 3.60 -3.71
C ARG A 241 -1.23 3.10 -4.63
N GLN A 242 -2.33 2.60 -4.06
CA GLN A 242 -3.39 2.02 -4.87
C GLN A 242 -4.09 3.08 -5.71
N ILE A 243 -4.43 4.23 -5.11
CA ILE A 243 -5.16 5.24 -5.88
C ILE A 243 -4.27 5.88 -6.94
N VAL A 244 -2.99 6.09 -6.64
CA VAL A 244 -2.10 6.65 -7.66
C VAL A 244 -2.05 5.75 -8.90
N THR A 245 -1.95 4.42 -8.72
CA THR A 245 -1.96 3.55 -9.90
C THR A 245 -3.33 3.58 -10.60
N GLU A 246 -4.42 3.63 -9.84
CA GLU A 246 -5.73 3.83 -10.46
C GLU A 246 -5.73 5.13 -11.26
N HIS A 247 -5.22 6.20 -10.66
CA HIS A 247 -5.14 7.49 -11.30
C HIS A 247 -4.49 7.37 -12.68
N VAL A 248 -3.40 6.61 -12.75
CA VAL A 248 -2.65 6.47 -14.00
C VAL A 248 -3.52 5.82 -15.07
N GLN A 249 -4.20 4.73 -14.73
CA GLN A 249 -5.08 4.10 -15.70
C GLN A 249 -6.24 4.99 -16.11
N LEU A 250 -6.63 5.95 -15.27
CA LEU A 250 -7.69 6.85 -15.69
C LEU A 250 -7.20 7.88 -16.70
N LEU A 251 -6.04 8.47 -16.47
CA LEU A 251 -5.48 9.41 -17.45
C LEU A 251 -5.32 8.75 -18.82
N GLN A 252 -4.77 7.54 -18.86
CA GLN A 252 -4.53 6.89 -20.14
C GLN A 252 -5.82 6.76 -20.95
N VAL A 253 -6.91 6.38 -20.28
CA VAL A 253 -8.20 6.28 -20.96
C VAL A 253 -8.63 7.64 -21.50
N ILE A 254 -8.47 8.69 -20.69
CA ILE A 254 -8.85 10.04 -21.12
C ILE A 254 -8.04 10.47 -22.34
N LYS A 255 -6.74 10.20 -22.32
CA LYS A 255 -5.87 10.63 -23.41
C LYS A 255 -6.22 9.91 -24.72
N LYS A 256 -6.39 8.59 -24.66
CA LYS A 256 -6.71 7.79 -25.84
C LYS A 256 -8.13 8.01 -26.37
N THR A 257 -8.99 8.67 -25.61
CA THR A 257 -10.38 8.86 -25.98
C THR A 257 -10.70 10.25 -26.52
N GLU A 258 -10.12 11.29 -25.93
CA GLU A 258 -10.57 12.66 -26.12
C GLU A 258 -9.72 13.37 -27.19
N THR A 259 -10.40 13.86 -28.24
CA THR A 259 -9.75 14.62 -29.31
C THR A 259 -9.85 16.13 -29.13
N ASP A 260 -10.71 16.60 -28.24
CA ASP A 260 -10.84 18.01 -27.87
C ASP A 260 -9.90 18.40 -26.73
N MET A 261 -8.69 17.83 -26.66
CA MET A 261 -7.79 18.05 -25.54
C MET A 261 -6.50 18.76 -25.89
N SER A 262 -6.31 19.21 -27.13
CA SER A 262 -5.00 19.73 -27.51
C SER A 262 -4.83 21.17 -27.01
N LEU A 263 -3.78 21.37 -26.23
CA LEU A 263 -3.25 22.66 -25.80
C LEU A 263 -2.07 23.03 -26.70
N HIS A 264 -1.63 24.27 -26.61
CA HIS A 264 -0.40 24.66 -27.29
C HIS A 264 0.73 23.68 -26.92
N PRO A 265 1.55 23.27 -27.89
CA PRO A 265 2.58 22.24 -27.60
C PRO A 265 3.50 22.58 -26.44
N LEU A 266 3.84 23.86 -26.25
CA LEU A 266 4.62 24.27 -25.08
C LEU A 266 3.87 23.96 -23.79
N LEU A 267 2.56 24.23 -23.77
CA LEU A 267 1.77 23.86 -22.61
C LEU A 267 1.77 22.36 -22.39
N GLN A 268 1.68 21.60 -23.48
CA GLN A 268 1.78 20.14 -23.37
C GLN A 268 3.10 19.73 -22.75
N GLU A 269 4.20 20.40 -23.14
CA GLU A 269 5.50 20.07 -22.56
C GLU A 269 5.51 20.35 -21.07
N ILE A 270 4.93 21.47 -20.66
CA ILE A 270 4.95 21.83 -19.24
C ILE A 270 4.29 20.73 -18.42
N TYR A 271 3.12 20.25 -18.87
CA TYR A 271 2.29 19.28 -18.15
C TYR A 271 2.74 17.84 -18.27
N LYS A 272 3.64 17.50 -19.22
CA LYS A 272 4.13 16.13 -19.31
C LYS A 272 4.38 15.56 -17.92
N ASP A 273 4.22 14.25 -17.76
CA ASP A 273 4.38 13.59 -16.45
C ASP A 273 3.11 13.61 -15.59
N LEU A 274 2.27 14.65 -15.72
CA LEU A 274 1.04 14.70 -14.91
C LEU A 274 -0.17 14.14 -15.66
N HIS B 3 -4.58 0.71 25.08
CA HIS B 3 -3.25 0.32 25.54
C HIS B 3 -3.33 -0.89 26.48
N MET B 4 -2.79 -2.02 26.03
CA MET B 4 -2.73 -3.23 26.83
C MET B 4 -1.51 -3.23 27.74
N GLU B 5 -1.58 -4.03 28.80
CA GLU B 5 -0.43 -4.23 29.67
C GLU B 5 0.60 -5.13 29.01
N SER B 6 1.87 -4.88 29.31
CA SER B 6 2.96 -5.55 28.60
C SER B 6 2.83 -7.07 28.71
N ALA B 7 2.52 -7.57 29.91
CA ALA B 7 2.39 -9.01 30.11
C ALA B 7 1.25 -9.60 29.29
N ASP B 8 0.17 -8.83 29.09
CA ASP B 8 -0.93 -9.31 28.28
C ASP B 8 -0.54 -9.38 26.80
N LEU B 9 0.30 -8.46 26.34
CA LEU B 9 0.76 -8.51 24.95
C LEU B 9 1.67 -9.71 24.72
N ARG B 10 2.53 -10.04 25.69
CA ARG B 10 3.34 -11.24 25.56
C ARG B 10 2.47 -12.49 25.51
N ALA B 11 1.45 -12.54 26.37
CA ALA B 11 0.51 -13.66 26.37
C ALA B 11 -0.15 -13.84 25.00
N LEU B 12 -0.57 -12.73 24.39
CA LEU B 12 -1.20 -12.80 23.07
C LEU B 12 -0.23 -13.32 22.01
N ALA B 13 1.01 -12.89 22.07
CA ALA B 13 2.01 -13.34 21.11
C ALA B 13 2.22 -14.85 21.20
N LYS B 14 2.34 -15.38 22.42
CA LYS B 14 2.53 -16.82 22.58
C LYS B 14 1.31 -17.59 22.12
N HIS B 15 0.11 -17.14 22.49
CA HIS B 15 -1.10 -17.78 22.01
C HIS B 15 -1.08 -17.89 20.49
N LEU B 16 -0.75 -16.81 19.80
CA LEU B 16 -0.82 -16.79 18.35
C LEU B 16 0.27 -17.66 17.72
N TYR B 17 1.49 -17.61 18.25
CA TYR B 17 2.56 -18.51 17.77
C TYR B 17 2.14 -19.97 17.94
N ASP B 18 1.63 -20.32 19.12
CA ASP B 18 1.17 -21.68 19.39
C ASP B 18 0.12 -22.15 18.38
N SER B 19 -0.86 -21.29 18.05
CA SER B 19 -1.88 -21.66 17.06
C SER B 19 -1.28 -21.74 15.66
N TYR B 20 -0.40 -20.81 15.34
CA TYR B 20 0.25 -20.83 14.04
C TYR B 20 0.97 -22.16 13.84
N ILE B 21 1.67 -22.64 14.89
CA ILE B 21 2.36 -23.92 14.80
C ILE B 21 1.36 -25.05 14.62
N LYS B 22 0.22 -24.95 15.29
CA LYS B 22 -0.73 -26.05 15.16
C LYS B 22 -1.42 -26.00 13.80
N SER B 23 -1.56 -24.81 13.21
CA SER B 23 -2.35 -24.62 12.00
C SER B 23 -1.56 -24.88 10.71
N PHE B 24 -0.28 -24.51 10.68
CA PHE B 24 0.50 -24.58 9.44
C PHE B 24 1.54 -25.68 9.58
N PRO B 25 1.52 -26.72 8.75
CA PRO B 25 2.45 -27.86 8.95
C PRO B 25 3.89 -27.56 8.59
N LEU B 26 4.14 -26.74 7.59
CA LEU B 26 5.52 -26.46 7.19
C LEU B 26 5.82 -25.02 7.62
N THR B 27 6.56 -24.86 8.72
CA THR B 27 6.95 -23.57 9.25
C THR B 27 8.19 -23.01 8.53
N LYS B 28 8.46 -21.72 8.78
CA LYS B 28 9.66 -21.10 8.24
C LYS B 28 10.91 -21.75 8.78
N ALA B 29 10.91 -22.13 10.08
CA ALA B 29 12.08 -22.79 10.66
C ALA B 29 12.36 -24.12 9.96
N LYS B 30 11.32 -24.91 9.70
CA LYS B 30 11.56 -26.16 8.97
C LYS B 30 12.02 -25.87 7.54
N ALA B 31 11.40 -24.91 6.87
CA ALA B 31 11.80 -24.59 5.50
C ALA B 31 13.26 -24.17 5.43
N ARG B 32 13.69 -23.31 6.36
CA ARG B 32 15.08 -22.83 6.32
C ARG B 32 16.07 -23.95 6.63
N ALA B 33 15.70 -24.89 7.50
CA ALA B 33 16.58 -26.03 7.75
C ALA B 33 16.75 -26.86 6.49
N ILE B 34 15.67 -27.04 5.73
CA ILE B 34 15.72 -27.80 4.48
C ILE B 34 16.52 -27.04 3.43
N LEU B 35 16.26 -25.74 3.29
CA LEU B 35 16.94 -24.97 2.24
C LEU B 35 18.43 -24.81 2.52
N THR B 36 18.79 -24.58 3.77
CA THR B 36 20.18 -24.36 4.13
C THR B 36 20.95 -25.67 4.15
N GLY B 37 20.26 -26.78 4.32
CA GLY B 37 20.89 -28.06 4.12
C GLY B 37 21.74 -28.47 5.30
N LYS B 38 22.99 -28.82 5.00
CA LYS B 38 23.88 -29.40 5.98
C LYS B 38 23.41 -30.81 6.28
N THR B 39 22.12 -30.96 6.54
CA THR B 39 21.55 -32.24 6.94
C THR B 39 21.46 -33.19 5.73
N THR B 40 21.67 -34.48 6.00
CA THR B 40 21.39 -35.53 5.01
C THR B 40 19.97 -36.07 5.06
N ASP B 41 19.21 -35.83 6.14
CA ASP B 41 17.90 -36.46 6.29
C ASP B 41 16.75 -35.63 5.75
N LYS B 42 16.97 -34.36 5.42
CA LYS B 42 15.88 -33.50 4.99
C LYS B 42 16.13 -32.91 3.60
N SER B 43 17.04 -33.47 2.84
CA SER B 43 17.46 -32.88 1.56
C SER B 43 16.37 -33.09 0.51
N PRO B 44 15.92 -32.04 -0.18
CA PRO B 44 14.92 -32.20 -1.24
C PRO B 44 15.48 -32.71 -2.58
N PHE B 45 14.59 -33.36 -3.34
CA PHE B 45 14.83 -33.64 -4.75
C PHE B 45 14.55 -32.39 -5.56
N VAL B 46 15.45 -32.06 -6.49
CA VAL B 46 15.42 -30.76 -7.17
C VAL B 46 14.88 -30.92 -8.59
N ILE B 47 13.83 -30.14 -8.90
CA ILE B 47 13.20 -30.13 -10.22
C ILE B 47 13.66 -28.87 -10.94
N TYR B 48 14.44 -29.04 -12.01
CA TYR B 48 15.01 -27.91 -12.72
C TYR B 48 14.78 -27.94 -14.23
N ASP B 49 14.16 -29.00 -14.75
CA ASP B 49 13.88 -29.13 -16.18
C ASP B 49 12.81 -30.20 -16.35
N MET B 50 12.48 -30.48 -17.61
CA MET B 50 11.39 -31.41 -17.91
C MET B 50 11.69 -32.79 -17.36
N ASN B 51 12.86 -33.34 -17.68
CA ASN B 51 13.15 -34.72 -17.31
C ASN B 51 13.17 -34.89 -15.80
N SER B 52 13.71 -33.92 -15.07
CA SER B 52 13.74 -34.07 -13.63
C SER B 52 12.32 -33.94 -13.04
N LEU B 53 11.43 -33.23 -13.72
CA LEU B 53 10.03 -33.22 -13.29
C LEU B 53 9.42 -34.60 -13.39
N MET B 54 9.55 -35.25 -14.56
CA MET B 54 9.05 -36.61 -14.73
C MET B 54 9.66 -37.53 -13.67
N MET B 55 10.95 -37.41 -13.46
CA MET B 55 11.59 -38.23 -12.44
C MET B 55 11.12 -37.87 -11.04
N GLY B 56 10.85 -36.58 -10.80
CA GLY B 56 10.37 -36.16 -9.49
C GLY B 56 9.04 -36.78 -9.12
N GLU B 57 8.17 -37.04 -10.11
CA GLU B 57 6.88 -37.63 -9.78
C GLU B 57 7.03 -39.09 -9.36
N ASP B 58 8.03 -39.79 -9.88
CA ASP B 58 8.30 -41.14 -9.41
C ASP B 58 8.96 -41.12 -8.04
N LYS B 59 9.74 -40.09 -7.73
CA LYS B 59 10.43 -40.04 -6.45
C LYS B 59 9.51 -39.52 -5.35
N ILE B 60 8.87 -38.37 -5.57
CA ILE B 60 7.99 -37.82 -4.56
C ILE B 60 6.59 -38.37 -4.78
N LYS B 73 -1.73 -33.96 -20.53
CA LYS B 73 -1.89 -32.52 -20.30
C LYS B 73 -0.53 -31.82 -20.10
N GLU B 74 -0.49 -30.55 -20.50
CA GLU B 74 0.78 -29.82 -20.70
C GLU B 74 1.46 -29.50 -19.37
N VAL B 75 2.79 -29.38 -19.44
CA VAL B 75 3.60 -29.26 -18.22
C VAL B 75 3.25 -27.99 -17.46
N ALA B 76 3.16 -26.86 -18.16
CA ALA B 76 2.87 -25.60 -17.49
C ALA B 76 1.50 -25.60 -16.84
N ILE B 77 0.52 -26.28 -17.45
CA ILE B 77 -0.79 -26.42 -16.84
C ILE B 77 -0.71 -27.32 -15.62
N ARG B 78 0.05 -28.41 -15.72
CA ARG B 78 0.21 -29.33 -14.60
C ARG B 78 0.83 -28.63 -13.39
N ILE B 79 1.85 -27.81 -13.64
CA ILE B 79 2.48 -27.05 -12.57
C ILE B 79 1.51 -26.00 -12.03
N PHE B 80 0.81 -25.32 -12.94
CA PHE B 80 -0.19 -24.36 -12.47
C PHE B 80 -1.21 -25.01 -11.56
N GLN B 81 -1.70 -26.19 -11.95
CA GLN B 81 -2.67 -26.87 -11.12
C GLN B 81 -2.06 -27.34 -9.80
N GLY B 82 -0.76 -27.65 -9.79
CA GLY B 82 -0.13 -27.92 -8.52
C GLY B 82 -0.20 -26.73 -7.56
N CYS B 83 -0.08 -25.51 -8.10
CA CYS B 83 -0.10 -24.32 -7.27
C CYS B 83 -1.49 -24.02 -6.70
N GLN B 84 -2.54 -24.19 -7.51
CA GLN B 84 -3.86 -23.90 -6.95
C GLN B 84 -4.27 -24.94 -5.92
N PHE B 85 -3.91 -26.21 -6.13
CA PHE B 85 -4.18 -27.23 -5.13
C PHE B 85 -3.56 -26.85 -3.79
N ARG B 86 -2.30 -26.40 -3.79
CA ARG B 86 -1.68 -25.96 -2.55
C ARG B 86 -2.32 -24.67 -2.05
N SER B 87 -2.69 -23.76 -2.96
CA SER B 87 -3.34 -22.52 -2.54
C SER B 87 -4.66 -22.82 -1.83
N VAL B 88 -5.45 -23.74 -2.36
CA VAL B 88 -6.70 -24.13 -1.72
C VAL B 88 -6.42 -24.67 -0.33
N GLU B 89 -5.41 -25.55 -0.23
CA GLU B 89 -5.03 -26.07 1.08
C GLU B 89 -4.63 -24.93 2.01
N ALA B 90 -3.94 -23.93 1.47
CA ALA B 90 -3.52 -22.83 2.31
C ALA B 90 -4.73 -22.03 2.81
N VAL B 91 -5.73 -21.81 1.95
CA VAL B 91 -6.94 -21.15 2.42
C VAL B 91 -7.53 -21.90 3.60
N GLN B 92 -7.57 -23.24 3.51
CA GLN B 92 -8.07 -24.04 4.62
C GLN B 92 -7.23 -23.84 5.86
N GLU B 93 -5.89 -23.81 5.71
CA GLU B 93 -5.04 -23.63 6.88
C GLU B 93 -5.18 -22.23 7.47
N ILE B 94 -5.23 -21.22 6.60
CA ILE B 94 -5.40 -19.85 7.06
C ILE B 94 -6.75 -19.69 7.78
N THR B 95 -7.80 -20.30 7.25
CA THR B 95 -9.13 -20.17 7.90
C THR B 95 -9.11 -20.74 9.30
N GLU B 96 -8.48 -21.89 9.47
CA GLU B 96 -8.41 -22.51 10.79
C GLU B 96 -7.63 -21.63 11.76
N TYR B 97 -6.51 -21.04 11.31
CA TYR B 97 -5.76 -20.11 12.13
C TYR B 97 -6.58 -18.87 12.50
N ALA B 98 -7.32 -18.30 11.54
CA ALA B 98 -8.09 -17.10 11.83
C ALA B 98 -9.05 -17.33 12.99
N LYS B 99 -9.65 -18.52 13.03
CA LYS B 99 -10.64 -18.82 14.07
C LYS B 99 -10.03 -18.75 15.46
N SER B 100 -8.72 -18.94 15.57
CA SER B 100 -8.01 -18.89 16.83
C SER B 100 -7.67 -17.46 17.25
N ILE B 101 -7.81 -16.49 16.36
CA ILE B 101 -7.50 -15.11 16.73
C ILE B 101 -8.56 -14.59 17.71
N PRO B 102 -8.20 -14.21 18.93
CA PRO B 102 -9.21 -13.77 19.90
C PRO B 102 -10.12 -12.67 19.34
N GLY B 103 -11.42 -12.93 19.40
CA GLY B 103 -12.42 -12.00 18.95
C GLY B 103 -12.91 -12.25 17.54
N PHE B 104 -12.17 -13.01 16.73
CA PHE B 104 -12.55 -13.15 15.34
C PHE B 104 -13.87 -13.90 15.19
N VAL B 105 -14.03 -15.04 15.86
CA VAL B 105 -15.27 -15.79 15.68
C VAL B 105 -16.45 -15.08 16.31
N ASN B 106 -16.23 -14.04 17.12
CA ASN B 106 -17.33 -13.29 17.71
C ASN B 106 -17.85 -12.18 16.82
N LEU B 107 -17.17 -11.87 15.73
CA LEU B 107 -17.59 -10.85 14.79
C LEU B 107 -18.80 -11.29 14.00
N ASP B 108 -19.53 -10.31 13.47
CA ASP B 108 -20.59 -10.61 12.52
C ASP B 108 -20.08 -11.60 11.47
N LEU B 109 -20.96 -12.54 11.14
CA LEU B 109 -20.58 -13.68 10.33
C LEU B 109 -20.21 -13.27 8.90
N ASN B 110 -20.92 -12.30 8.35
CA ASN B 110 -20.59 -11.75 7.03
C ASN B 110 -19.23 -11.07 7.02
N ASP B 111 -18.85 -10.44 8.13
CA ASP B 111 -17.55 -9.80 8.17
C ASP B 111 -16.43 -10.82 8.27
N GLN B 112 -16.65 -11.93 8.97
CA GLN B 112 -15.67 -13.01 8.97
C GLN B 112 -15.38 -13.47 7.54
N VAL B 113 -16.42 -13.65 6.74
CA VAL B 113 -16.22 -14.09 5.36
C VAL B 113 -15.45 -13.02 4.58
N THR B 114 -15.84 -11.75 4.75
CA THR B 114 -15.18 -10.65 4.08
C THR B 114 -13.70 -10.53 4.44
N LEU B 115 -13.36 -10.68 5.72
CA LEU B 115 -11.96 -10.59 6.12
C LEU B 115 -11.13 -11.72 5.53
N LEU B 116 -11.68 -12.94 5.52
CA LEU B 116 -10.98 -14.06 4.91
C LEU B 116 -10.87 -13.86 3.40
N LYS B 117 -11.97 -13.47 2.77
CA LYS B 117 -12.01 -13.30 1.31
C LYS B 117 -10.89 -12.41 0.82
N TYR B 118 -10.68 -11.28 1.48
CA TYR B 118 -9.67 -10.31 1.07
C TYR B 118 -8.35 -10.49 1.78
N GLY B 119 -8.26 -11.35 2.79
CA GLY B 119 -6.99 -11.48 3.48
C GLY B 119 -6.14 -12.68 3.10
N VAL B 120 -6.78 -13.76 2.65
CA VAL B 120 -6.03 -15.01 2.46
C VAL B 120 -4.93 -14.85 1.41
N HIS B 121 -5.19 -14.11 0.33
CA HIS B 121 -4.20 -13.98 -0.73
C HIS B 121 -2.96 -13.26 -0.24
N GLU B 122 -3.15 -12.18 0.51
CA GLU B 122 -2.00 -11.47 1.07
C GLU B 122 -1.20 -12.39 1.98
N ILE B 123 -1.88 -13.27 2.71
CA ILE B 123 -1.21 -14.18 3.63
C ILE B 123 -0.50 -15.29 2.87
N ILE B 124 -1.10 -15.78 1.78
CA ILE B 124 -0.46 -16.83 1.00
C ILE B 124 0.87 -16.34 0.46
N TYR B 125 0.88 -15.13 -0.09
CA TYR B 125 2.12 -14.54 -0.58
C TYR B 125 3.14 -14.39 0.53
N THR B 126 2.72 -13.88 1.68
CA THR B 126 3.62 -13.72 2.82
C THR B 126 4.24 -15.04 3.19
N MET B 127 3.41 -16.06 3.33
CA MET B 127 3.87 -17.35 3.79
C MET B 127 4.58 -18.11 2.68
N LEU B 128 4.26 -17.80 1.42
CA LEU B 128 5.01 -18.39 0.32
C LEU B 128 6.49 -18.02 0.42
N ALA B 129 6.78 -16.79 0.83
CA ALA B 129 8.16 -16.33 0.95
C ALA B 129 8.98 -17.21 1.88
N SER B 130 8.35 -17.75 2.94
CA SER B 130 9.07 -18.64 3.85
C SER B 130 9.64 -19.84 3.12
N LEU B 131 9.00 -20.25 2.03
CA LEU B 131 9.44 -21.43 1.29
C LEU B 131 10.42 -21.09 0.18
N MET B 132 10.86 -19.84 0.06
CA MET B 132 11.61 -19.41 -1.10
C MET B 132 13.01 -18.94 -0.72
N ASN B 133 13.95 -19.13 -1.64
CA ASN B 133 15.14 -18.28 -1.65
C ASN B 133 15.26 -17.70 -3.05
N LYS B 134 16.40 -17.09 -3.38
CA LYS B 134 16.50 -16.50 -4.70
C LYS B 134 16.52 -17.53 -5.82
N ASP B 135 16.73 -18.82 -5.49
CA ASP B 135 16.92 -19.82 -6.53
C ASP B 135 15.73 -20.75 -6.78
N GLY B 136 14.76 -20.82 -5.86
CA GLY B 136 13.58 -21.64 -6.10
C GLY B 136 12.71 -21.72 -4.86
N VAL B 137 11.76 -22.67 -4.90
CA VAL B 137 10.72 -22.75 -3.88
C VAL B 137 10.50 -24.20 -3.45
N LEU B 138 10.27 -24.40 -2.14
CA LEU B 138 9.95 -25.72 -1.62
C LEU B 138 8.54 -26.11 -2.02
N ILE B 139 8.33 -27.39 -2.33
CA ILE B 139 7.04 -27.95 -2.70
C ILE B 139 6.89 -29.32 -2.06
N SER B 140 5.68 -29.86 -2.17
CA SER B 140 5.35 -31.18 -1.65
C SER B 140 5.85 -31.32 -0.22
N GLU B 141 5.43 -30.37 0.62
CA GLU B 141 5.75 -30.33 2.04
C GLU B 141 7.25 -30.48 2.30
N GLY B 142 8.05 -29.79 1.50
CA GLY B 142 9.49 -29.79 1.66
C GLY B 142 10.23 -30.93 1.03
N GLN B 143 9.54 -31.91 0.44
CA GLN B 143 10.24 -33.03 -0.19
C GLN B 143 10.86 -32.63 -1.52
N GLY B 144 10.34 -31.56 -2.13
CA GLY B 144 10.82 -31.13 -3.42
C GLY B 144 11.25 -29.68 -3.42
N PHE B 145 11.99 -29.29 -4.47
CA PHE B 145 12.45 -27.93 -4.68
C PHE B 145 12.39 -27.68 -6.17
N MET B 146 11.59 -26.69 -6.58
CA MET B 146 11.46 -26.35 -7.99
C MET B 146 12.22 -25.04 -8.22
N THR B 147 13.12 -25.03 -9.20
CA THR B 147 14.01 -23.89 -9.37
C THR B 147 13.25 -22.70 -9.96
N ARG B 148 13.70 -21.51 -9.56
CA ARG B 148 13.12 -20.28 -10.09
C ARG B 148 13.27 -20.17 -11.60
N GLU B 149 14.43 -20.57 -12.13
CA GLU B 149 14.66 -20.43 -13.57
C GLU B 149 13.73 -21.33 -14.35
N PHE B 150 13.46 -22.53 -13.84
CA PHE B 150 12.53 -23.44 -14.51
C PHE B 150 11.11 -22.88 -14.54
N LEU B 151 10.65 -22.36 -13.41
CA LEU B 151 9.32 -21.76 -13.38
C LEU B 151 9.22 -20.58 -14.33
N LYS B 152 10.24 -19.72 -14.33
CA LYS B 152 10.27 -18.55 -15.20
C LYS B 152 10.26 -18.93 -16.67
N SER B 153 10.72 -20.13 -17.00
CA SER B 153 10.85 -20.52 -18.40
C SER B 153 9.61 -21.23 -18.95
N LEU B 154 8.51 -21.30 -18.19
CA LEU B 154 7.29 -21.88 -18.70
C LEU B 154 6.67 -21.01 -19.81
N ARG B 155 5.92 -21.65 -20.70
CA ARG B 155 5.45 -21.00 -21.91
C ARG B 155 4.35 -19.97 -21.60
N LYS B 156 3.92 -19.28 -22.66
CA LYS B 156 2.77 -18.39 -22.73
C LYS B 156 2.70 -17.47 -21.52
N PRO B 157 1.57 -17.41 -20.83
CA PRO B 157 1.47 -16.51 -19.68
C PRO B 157 2.05 -17.09 -18.40
N PHE B 158 2.30 -18.40 -18.35
CA PHE B 158 2.61 -19.05 -17.07
C PHE B 158 4.01 -18.69 -16.56
N GLY B 159 4.98 -18.55 -17.47
CA GLY B 159 6.31 -18.19 -17.04
C GLY B 159 6.36 -16.89 -16.25
N ASP B 160 5.75 -15.84 -16.80
CA ASP B 160 5.70 -14.55 -16.11
C ASP B 160 4.69 -14.54 -14.97
N PHE B 161 3.88 -15.59 -14.84
CA PHE B 161 2.97 -15.71 -13.72
C PHE B 161 3.68 -16.19 -12.46
N MET B 162 4.78 -16.92 -12.64
CA MET B 162 5.52 -17.51 -11.53
C MET B 162 6.45 -16.51 -10.83
N GLU B 163 7.18 -15.68 -11.61
CA GLU B 163 8.33 -14.88 -11.16
C GLU B 163 8.04 -13.75 -10.15
N PRO B 164 6.95 -12.99 -10.28
CA PRO B 164 6.69 -11.91 -9.29
C PRO B 164 6.62 -12.38 -7.82
N LYS B 165 6.17 -13.61 -7.58
CA LYS B 165 6.23 -14.14 -6.22
C LYS B 165 7.67 -14.19 -5.70
N PHE B 166 8.60 -14.67 -6.53
CA PHE B 166 10.01 -14.68 -6.13
C PHE B 166 10.51 -13.28 -5.85
N GLU B 167 10.10 -12.31 -6.67
CA GLU B 167 10.58 -10.95 -6.50
C GLU B 167 10.16 -10.39 -5.14
N PHE B 168 8.90 -10.58 -4.76
CA PHE B 168 8.49 -10.16 -3.43
C PHE B 168 9.25 -10.92 -2.33
N ALA B 169 9.31 -12.25 -2.45
CA ALA B 169 9.92 -13.05 -1.39
C ALA B 169 11.35 -12.62 -1.09
N VAL B 170 12.15 -12.37 -2.13
CA VAL B 170 13.54 -11.97 -1.88
C VAL B 170 13.57 -10.70 -1.03
N LYS B 171 12.67 -9.77 -1.31
CA LYS B 171 12.61 -8.53 -0.52
C LYS B 171 12.04 -8.78 0.86
N PHE B 172 10.93 -9.53 0.96
CA PHE B 172 10.37 -9.76 2.29
C PHE B 172 11.35 -10.52 3.18
N ASN B 173 12.07 -11.49 2.61
CA ASN B 173 12.97 -12.33 3.39
C ASN B 173 14.19 -11.57 3.91
N ALA B 174 14.53 -10.43 3.31
CA ALA B 174 15.61 -9.61 3.86
C ALA B 174 15.28 -9.10 5.27
N LEU B 175 13.99 -9.06 5.65
CA LEU B 175 13.61 -8.67 7.00
C LEU B 175 14.01 -9.71 8.04
N GLU B 176 14.17 -10.98 7.65
CA GLU B 176 14.64 -12.02 8.57
C GLU B 176 13.64 -12.23 9.72
N LEU B 177 12.36 -12.25 9.39
CA LEU B 177 11.33 -12.58 10.38
C LEU B 177 11.36 -14.07 10.70
N ASP B 178 10.99 -14.42 11.93
CA ASP B 178 10.80 -15.84 12.22
C ASP B 178 9.32 -16.09 12.49
N ASP B 179 8.99 -17.37 12.74
CA ASP B 179 7.58 -17.75 12.79
C ASP B 179 6.84 -17.00 13.89
N SER B 180 7.48 -16.80 15.04
CA SER B 180 6.79 -16.08 16.11
C SER B 180 6.44 -14.65 15.68
N ASP B 181 7.31 -14.00 14.89
CA ASP B 181 6.94 -12.70 14.31
C ASP B 181 5.78 -12.85 13.32
N LEU B 182 5.87 -13.82 12.41
CA LEU B 182 4.91 -13.95 11.33
C LEU B 182 3.50 -14.27 11.84
N ALA B 183 3.41 -15.02 12.94
CA ALA B 183 2.11 -15.34 13.49
C ALA B 183 1.31 -14.07 13.80
N ILE B 184 1.96 -13.07 14.41
CA ILE B 184 1.25 -11.83 14.69
C ILE B 184 1.01 -11.03 13.42
N PHE B 185 2.01 -10.98 12.52
CA PHE B 185 1.87 -10.23 11.27
C PHE B 185 0.66 -10.70 10.49
N ILE B 186 0.55 -12.03 10.33
CA ILE B 186 -0.57 -12.62 9.62
C ILE B 186 -1.90 -12.21 10.26
N ALA B 187 -1.97 -12.24 11.60
CA ALA B 187 -3.18 -11.89 12.30
C ALA B 187 -3.57 -10.44 12.01
N VAL B 188 -2.57 -9.53 12.00
CA VAL B 188 -2.83 -8.13 11.71
C VAL B 188 -3.47 -7.98 10.33
N ILE B 189 -2.96 -8.70 9.33
CA ILE B 189 -3.49 -8.61 7.98
C ILE B 189 -4.95 -9.00 7.95
N ILE B 190 -5.29 -10.13 8.59
CA ILE B 190 -6.66 -10.61 8.57
C ILE B 190 -7.60 -9.58 9.20
N LEU B 191 -7.19 -8.98 10.31
CA LEU B 191 -8.08 -8.06 11.03
C LEU B 191 -7.96 -6.63 10.50
N SER B 192 -8.11 -6.46 9.19
CA SER B 192 -8.06 -5.16 8.52
C SER B 192 -9.45 -4.55 8.41
N GLY B 193 -9.65 -3.41 9.08
CA GLY B 193 -10.94 -2.75 8.99
C GLY B 193 -11.22 -2.03 7.69
N ASP B 194 -10.31 -2.00 6.74
CA ASP B 194 -10.54 -1.28 5.49
C ASP B 194 -10.94 -2.19 4.34
N ARG B 195 -11.25 -3.46 4.59
CA ARG B 195 -11.72 -4.32 3.52
C ARG B 195 -13.06 -3.81 2.98
N PRO B 196 -13.30 -3.93 1.67
CA PRO B 196 -14.58 -3.45 1.12
C PRO B 196 -15.76 -4.23 1.68
N GLY B 197 -16.80 -3.50 2.07
CA GLY B 197 -18.08 -4.09 2.43
C GLY B 197 -18.23 -4.53 3.87
N LEU B 198 -17.29 -4.22 4.75
CA LEU B 198 -17.42 -4.61 6.15
C LEU B 198 -18.60 -3.86 6.78
N LEU B 199 -19.36 -4.57 7.62
CA LEU B 199 -20.52 -3.96 8.27
C LEU B 199 -20.17 -3.24 9.57
N ASN B 200 -19.29 -3.80 10.40
CA ASN B 200 -18.96 -3.23 11.71
C ASN B 200 -17.45 -3.07 11.81
N VAL B 201 -16.93 -1.90 11.42
CA VAL B 201 -15.49 -1.70 11.37
C VAL B 201 -14.90 -1.59 12.77
N LYS B 202 -15.65 -0.99 13.71
CA LYS B 202 -15.06 -0.67 15.01
C LYS B 202 -14.58 -1.91 15.74
N PRO B 203 -15.37 -2.97 15.88
CA PRO B 203 -14.85 -4.16 16.56
C PRO B 203 -13.68 -4.82 15.84
N ILE B 204 -13.57 -4.68 14.52
CA ILE B 204 -12.39 -5.23 13.86
C ILE B 204 -11.15 -4.40 14.20
N GLU B 205 -11.29 -3.07 14.18
CA GLU B 205 -10.15 -2.20 14.44
C GLU B 205 -9.66 -2.34 15.88
N ASP B 206 -10.59 -2.52 16.83
CA ASP B 206 -10.20 -2.74 18.22
C ASP B 206 -9.32 -3.98 18.35
N ILE B 207 -9.69 -5.06 17.67
CA ILE B 207 -8.85 -6.24 17.70
C ILE B 207 -7.51 -5.96 17.05
N GLN B 208 -7.50 -5.29 15.90
CA GLN B 208 -6.22 -5.03 15.23
C GLN B 208 -5.32 -4.17 16.11
N ASP B 209 -5.90 -3.21 16.85
CA ASP B 209 -5.05 -2.38 17.72
C ASP B 209 -4.29 -3.23 18.71
N ASN B 210 -4.96 -4.21 19.32
CA ASN B 210 -4.24 -5.10 20.23
C ASN B 210 -3.19 -5.91 19.51
N LEU B 211 -3.52 -6.42 18.32
CA LEU B 211 -2.56 -7.22 17.58
C LEU B 211 -1.35 -6.38 17.15
N LEU B 212 -1.61 -5.12 16.77
CA LEU B 212 -0.53 -4.21 16.40
C LEU B 212 0.36 -3.89 17.59
N GLN B 213 -0.26 -3.63 18.75
CA GLN B 213 0.53 -3.48 19.97
C GLN B 213 1.37 -4.72 20.21
N ALA B 214 0.77 -5.89 19.97
CA ALA B 214 1.48 -7.14 20.21
C ALA B 214 2.62 -7.30 19.22
N LEU B 215 2.38 -6.99 17.95
CA LEU B 215 3.45 -7.05 16.96
C LEU B 215 4.57 -6.08 17.30
N GLU B 216 4.23 -4.86 17.70
CA GLU B 216 5.22 -3.86 18.04
C GLU B 216 6.15 -4.36 19.14
N LEU B 217 5.58 -4.80 20.26
CA LEU B 217 6.41 -5.30 21.35
C LEU B 217 7.19 -6.55 20.92
N GLN B 218 6.54 -7.46 20.19
CA GLN B 218 7.26 -8.65 19.74
C GLN B 218 8.49 -8.28 18.92
N LEU B 219 8.35 -7.37 17.95
CA LEU B 219 9.49 -7.01 17.11
C LEU B 219 10.60 -6.30 17.88
N LYS B 220 10.26 -5.52 18.90
CA LYS B 220 11.30 -4.84 19.66
C LYS B 220 12.11 -5.81 20.51
N LEU B 221 11.46 -6.86 21.05
CA LEU B 221 12.16 -7.80 21.91
C LEU B 221 12.97 -8.81 21.11
N ASN B 222 12.41 -9.30 20.00
CA ASN B 222 13.03 -10.33 19.18
C ASN B 222 14.05 -9.77 18.19
N HIS B 223 13.99 -8.46 17.88
CA HIS B 223 14.90 -7.83 16.93
C HIS B 223 15.33 -6.46 17.46
N PRO B 224 15.96 -6.44 18.63
CA PRO B 224 16.23 -5.15 19.28
C PRO B 224 17.16 -4.25 18.49
N GLU B 225 18.07 -4.81 17.72
CA GLU B 225 19.03 -4.06 16.94
C GLU B 225 18.48 -3.63 15.58
N SER B 226 17.27 -4.04 15.23
CA SER B 226 16.69 -3.80 13.92
C SER B 226 15.81 -2.55 14.01
N SER B 227 16.38 -1.39 13.70
CA SER B 227 15.67 -0.12 13.89
C SER B 227 14.42 -0.05 13.01
N GLN B 228 13.30 0.36 13.64
CA GLN B 228 12.04 0.62 12.93
C GLN B 228 11.57 -0.58 12.11
N LEU B 229 11.85 -1.81 12.54
CA LEU B 229 11.35 -2.96 11.79
C LEU B 229 9.82 -3.01 11.79
N PHE B 230 9.20 -2.49 12.84
CA PHE B 230 7.75 -2.39 12.88
C PHE B 230 7.22 -1.59 11.69
N ALA B 231 7.70 -0.36 11.54
CA ALA B 231 7.28 0.47 10.41
C ALA B 231 7.58 -0.22 9.08
N LYS B 232 8.77 -0.82 8.93
CA LYS B 232 9.13 -1.39 7.64
C LYS B 232 8.29 -2.61 7.33
N LEU B 233 7.92 -3.39 8.33
CA LEU B 233 7.02 -4.51 8.06
C LEU B 233 5.64 -4.02 7.63
N LEU B 234 5.12 -2.96 8.26
CA LEU B 234 3.82 -2.42 7.83
C LEU B 234 3.90 -1.90 6.41
N GLN B 235 5.04 -1.30 6.05
CA GLN B 235 5.22 -0.85 4.68
C GLN B 235 5.19 -2.01 3.70
N LYS B 236 5.52 -3.24 4.14
CA LYS B 236 5.42 -4.41 3.26
C LYS B 236 3.99 -4.81 2.99
N MET B 237 3.04 -4.47 3.87
CA MET B 237 1.65 -4.68 3.55
C MET B 237 1.25 -3.92 2.30
N THR B 238 2.08 -2.96 1.86
CA THR B 238 1.87 -2.26 0.61
C THR B 238 2.35 -3.09 -0.60
N ASP B 239 3.55 -3.65 -0.53
CA ASP B 239 3.96 -4.54 -1.61
C ASP B 239 2.98 -5.71 -1.75
N LEU B 240 2.41 -6.17 -0.64
CA LEU B 240 1.45 -7.26 -0.71
C LEU B 240 0.19 -6.84 -1.45
N ARG B 241 -0.34 -5.67 -1.11
CA ARG B 241 -1.58 -5.20 -1.72
C ARG B 241 -1.45 -5.14 -3.23
N GLN B 242 -0.29 -4.67 -3.73
CA GLN B 242 -0.11 -4.50 -5.17
C GLN B 242 0.03 -5.84 -5.87
N ILE B 243 0.79 -6.77 -5.30
CA ILE B 243 1.04 -8.02 -6.00
C ILE B 243 -0.26 -8.83 -6.11
N VAL B 244 -1.09 -8.79 -5.08
CA VAL B 244 -2.38 -9.47 -5.17
C VAL B 244 -3.20 -8.91 -6.32
N THR B 245 -3.17 -7.58 -6.52
CA THR B 245 -3.92 -7.00 -7.64
C THR B 245 -3.32 -7.40 -8.98
N GLU B 246 -1.99 -7.39 -9.11
CA GLU B 246 -1.36 -7.91 -10.32
C GLU B 246 -1.76 -9.36 -10.56
N HIS B 247 -1.67 -10.19 -9.52
CA HIS B 247 -2.02 -11.60 -9.66
C HIS B 247 -3.41 -11.79 -10.27
N VAL B 248 -4.39 -11.04 -9.76
CA VAL B 248 -5.77 -11.22 -10.20
C VAL B 248 -5.90 -10.92 -11.69
N GLN B 249 -5.32 -9.80 -12.13
CA GLN B 249 -5.32 -9.44 -13.54
C GLN B 249 -4.54 -10.42 -14.41
N LEU B 250 -3.60 -11.17 -13.85
CA LEU B 250 -2.95 -12.20 -14.66
C LEU B 250 -3.86 -13.40 -14.81
N LEU B 251 -4.52 -13.81 -13.72
CA LEU B 251 -5.45 -14.93 -13.80
C LEU B 251 -6.53 -14.66 -14.83
N GLN B 252 -7.12 -13.47 -14.80
CA GLN B 252 -8.17 -13.14 -15.76
C GLN B 252 -7.66 -13.35 -17.18
N VAL B 253 -6.46 -12.87 -17.47
CA VAL B 253 -5.89 -13.06 -18.80
C VAL B 253 -5.78 -14.55 -19.12
N ILE B 254 -5.29 -15.34 -18.16
CA ILE B 254 -5.17 -16.78 -18.36
C ILE B 254 -6.54 -17.40 -18.60
N LYS B 255 -7.56 -16.94 -17.86
CA LYS B 255 -8.90 -17.51 -18.03
C LYS B 255 -9.42 -17.28 -19.43
N LYS B 256 -9.26 -16.05 -19.96
CA LYS B 256 -9.75 -15.76 -21.31
C LYS B 256 -8.98 -16.53 -22.37
N THR B 257 -7.86 -17.18 -22.02
CA THR B 257 -7.07 -17.96 -22.97
C THR B 257 -7.25 -19.46 -22.80
N GLU B 258 -7.19 -19.96 -21.57
CA GLU B 258 -7.07 -21.39 -21.30
C GLU B 258 -8.39 -21.99 -20.85
N THR B 259 -8.87 -22.97 -21.61
CA THR B 259 -10.05 -23.77 -21.26
C THR B 259 -9.68 -25.10 -20.63
N ASP B 260 -8.41 -25.48 -20.68
CA ASP B 260 -7.99 -26.75 -20.09
C ASP B 260 -7.76 -26.61 -18.59
N MET B 261 -8.47 -25.69 -17.95
CA MET B 261 -8.34 -25.54 -16.52
C MET B 261 -9.61 -24.92 -15.95
N SER B 262 -9.73 -25.05 -14.63
CA SER B 262 -10.89 -24.65 -13.84
C SER B 262 -10.39 -24.49 -12.41
N LEU B 263 -10.83 -23.45 -11.73
CA LEU B 263 -10.40 -23.25 -10.36
C LEU B 263 -11.29 -23.97 -9.36
N HIS B 264 -10.68 -24.37 -8.25
CA HIS B 264 -11.39 -24.99 -7.15
C HIS B 264 -12.51 -24.07 -6.66
N PRO B 265 -13.68 -24.60 -6.33
CA PRO B 265 -14.76 -23.70 -5.91
C PRO B 265 -14.37 -22.70 -4.82
N LEU B 266 -13.43 -23.04 -3.91
CA LEU B 266 -13.02 -22.13 -2.85
C LEU B 266 -12.30 -20.89 -3.41
N LEU B 267 -11.30 -21.12 -4.25
CA LEU B 267 -10.69 -20.00 -4.97
C LEU B 267 -11.71 -19.35 -5.90
N GLN B 268 -12.62 -20.17 -6.41
CA GLN B 268 -13.65 -19.73 -7.34
C GLN B 268 -14.35 -18.51 -6.76
N GLU B 269 -14.85 -18.65 -5.53
CA GLU B 269 -15.64 -17.59 -4.89
C GLU B 269 -14.77 -16.42 -4.42
N ILE B 270 -13.57 -16.70 -3.92
CA ILE B 270 -12.75 -15.63 -3.36
C ILE B 270 -12.49 -14.52 -4.38
N TYR B 271 -12.21 -14.87 -5.64
CA TYR B 271 -11.86 -13.84 -6.61
C TYR B 271 -13.08 -13.08 -7.10
N LYS B 272 -14.28 -13.65 -6.96
CA LYS B 272 -15.51 -13.00 -7.43
C LYS B 272 -15.59 -11.53 -7.09
N ASP B 273 -15.05 -11.11 -5.94
CA ASP B 273 -15.21 -9.72 -5.52
C ASP B 273 -14.05 -8.81 -5.91
N LEU B 274 -12.82 -9.33 -5.91
CA LEU B 274 -11.60 -8.56 -6.25
C LEU B 274 -11.72 -7.06 -6.00
N1 A1IRD C . -5.20 17.35 -8.39
C2 A1IRD C . -4.24 21.06 -5.09
O2 A1IRD C . -4.09 23.18 -4.13
N3 A1IRD C . -8.83 22.63 -8.95
C4 A1IRD C . -4.26 18.88 -6.13
N4 A1IRD C . -10.25 21.20 -7.68
C5 A1IRD C . -5.39 19.22 -6.87
C6 A1IRD C . -6.00 18.19 -7.72
N2 A1IRD C . -6.01 16.44 -9.03
O4 A1IRD C . -7.08 20.78 -7.41
C7 A1IRD C . -5.45 15.45 -9.86
C8 A1IRD C . -4.03 15.08 -9.67
C1 A1IRD C . -3.65 22.02 -4.12
C10 A1IRD C . -2.28 14.21 -8.25
C11 A1IRD C . -1.38 14.36 -9.28
C12 A1IRD C . -1.78 14.88 -10.51
C13 A1IRD C . -3.10 15.24 -10.72
C14 A1IRD C . -3.52 15.80 -12.04
C15 A1IRD C . -7.32 16.61 -8.67
C16 A1IRD C . -8.48 15.91 -9.02
C17 A1IRD C . -9.67 16.33 -8.48
C18 A1IRD C . -9.70 17.43 -7.61
C19 A1IRD C . -8.56 18.14 -7.25
C20 A1IRD C . -7.34 17.72 -7.80
C21 A1IRD C . -5.97 20.48 -6.67
C22 A1IRD C . -8.01 21.70 -6.84
C23 A1IRD C . -9.10 21.87 -7.88
C24 A1IRD C . -9.81 22.76 -9.86
C25 A1IRD C . -11.02 22.15 -9.72
C26 A1IRD C . -11.19 21.36 -8.62
C27 A1IRD C . -5.39 21.39 -5.80
C3 A1IRD C . -3.68 19.80 -5.26
C9 A1IRD C . -3.60 14.58 -8.45
F1 A1IRD C . -4.42 16.79 -11.92
F2 A1IRD C . -4.08 14.90 -12.83
F3 A1IRD C . -2.49 16.32 -12.73
O1 A1IRD C . -2.79 21.61 -3.33
O3 A1IRD C . -6.15 14.90 -10.68
CL1 A1IRD C . -4.72 14.39 -7.14
CL2 A1IRD C . -11.23 17.92 -6.95
H2 A1IRD C . -3.87 18.03 -6.23
H3 A1IRD C . -2.01 13.86 -7.43
H4 A1IRD C . -0.48 14.11 -9.15
H5 A1IRD C . -1.15 14.99 -11.20
H6 A1IRD C . -8.45 15.17 -9.60
H7 A1IRD C . -10.47 15.89 -8.69
H8 A1IRD C . -8.61 18.86 -6.67
H9 A1IRD C . -7.60 22.56 -6.65
H10 A1IRD C . -8.39 21.34 -6.01
H11 A1IRD C . -9.65 23.32 -10.61
H12 A1IRD C . -11.70 22.24 -10.37
H13 A1IRD C . -12.02 20.91 -8.51
H14 A1IRD C . -5.78 22.24 -5.69
H1 A1IRD C . -2.93 19.55 -4.76
N1 A1IRD D . 0.42 -20.34 -5.42
C2 A1IRD D . 2.01 -22.67 -1.23
O2 A1IRD D . 1.77 -22.62 1.14
N3 A1IRD D . 3.69 -25.94 -6.09
C4 A1IRD D . 1.14 -20.96 -2.66
N4 A1IRD D . 5.23 -24.27 -6.78
C5 A1IRD D . 1.70 -21.56 -3.77
C6 A1IRD D . 1.58 -20.89 -5.08
N2 A1IRD D . 0.61 -19.70 -6.63
O4 A1IRD D . 3.00 -23.33 -4.67
C7 A1IRD D . -0.47 -19.06 -7.26
C8 A1IRD D . -1.68 -18.75 -6.45
C1 A1IRD D . 2.18 -23.27 0.14
C10 A1IRD D . -2.60 -17.71 -4.47
C11 A1IRD D . -3.86 -18.13 -4.84
C12 A1IRD D . -4.05 -18.85 -5.99
C13 A1IRD D . -2.98 -19.19 -6.80
C14 A1IRD D . -3.26 -19.97 -8.05
C15 A1IRD D . 1.93 -19.80 -7.03
C16 A1IRD D . 2.62 -19.32 -8.13
C17 A1IRD D . 3.96 -19.58 -8.24
C18 A1IRD D . 4.61 -20.33 -7.24
C19 A1IRD D . 3.95 -20.81 -6.13
C20 A1IRD D . 2.58 -20.55 -6.01
C21 A1IRD D . 2.49 -22.72 -3.58
C22 A1IRD D . 4.21 -24.09 -4.57
C23 A1IRD D . 4.41 -24.81 -5.88
C24 A1IRD D . 3.86 -26.57 -7.25
C25 A1IRD D . 4.72 -26.11 -8.21
C26 A1IRD D . 5.38 -24.93 -7.94
C27 A1IRD D . 2.61 -23.28 -2.32
C3 A1IRD D . 1.28 -21.50 -1.40
C9 A1IRD D . -1.52 -18.01 -5.29
F1 A1IRD D . -4.46 -20.57 -8.02
F2 A1IRD D . -3.28 -19.21 -9.14
F3 A1IRD D . -2.37 -20.93 -8.29
O1 A1IRD D . 2.75 -24.39 0.21
O3 A1IRD D . -0.36 -18.78 -8.44
CL1 A1IRD D . 0.03 -17.43 -4.80
CL2 A1IRD D . 6.33 -20.63 -7.41
H2 A1IRD D . 0.65 -20.16 -2.76
H3 A1IRD D . -2.48 -17.22 -3.68
H4 A1IRD D . -4.60 -17.92 -4.28
H5 A1IRD D . -4.92 -19.13 -6.23
H6 A1IRD D . 2.18 -18.83 -8.81
H7 A1IRD D . 4.45 -19.27 -8.96
H8 A1IRD D . 4.40 -21.31 -5.46
H9 A1IRD D . 4.15 -24.74 -3.83
H10 A1IRD D . 4.98 -23.50 -4.40
H11 A1IRD D . 3.39 -27.37 -7.41
H12 A1IRD D . 4.84 -26.57 -9.03
H13 A1IRD D . 5.97 -24.59 -8.59
H14 A1IRD D . 3.09 -24.08 -2.21
H1 A1IRD D . 0.89 -21.09 -0.65
#